data_7PA4
#
_entry.id   7PA4
#
_cell.length_a   67.569
_cell.length_b   131.676
_cell.length_c   66.493
_cell.angle_alpha   90.000
_cell.angle_beta   90.000
_cell.angle_gamma   90.000
#
_symmetry.space_group_name_H-M   'P 21 21 2'
#
loop_
_entity.id
_entity.type
_entity.pdbx_description
1 polymer "5'-nucleotidase"
2 non-polymer 'ZINC ION'
3 non-polymer 'CALCIUM ION'
4 non-polymer 'CHLORIDE ION'
5 non-polymer GLYCEROL
6 non-polymer "CYTIDINE-5'-MONOPHOSPHATE"
7 water water
#
_entity_poly.entity_id   1
_entity_poly.type   'polypeptide(L)'
_entity_poly.pdbx_seq_one_letter_code
;MAHHHHHHVGTGSNDDDDKSPDPWELTILHTNDVHSRLEQTSEDSSKCVDASRCMGGVARLFTKVQQIRRAEPNVLLLDA
GDQYQGTIWFTVYKGAEVAHFMNALRYDAMALGNHEFDNGVEGLIEPLLKEAKFPILSANISASGPLASQISGLYLPYKV
LPVGDEVVGIVGYTSKETPFLSNPGTNLVFEDEITALQPEVDKLKTLNVNKIIALGHSGFEMDKLIAQKVRGVDVVVGGH
SNTFLYTGNPPSKEVPAGKYPFIVTSDDGRKVPVVQAYAFGKYLGYLKIEFDERGNVISSHGNPILLDSSIPEDPSIKAD
INKWRIKLDDYSTQELGKTIVYLDGSSQSCRFRECNMGNLICDAMINNNLRHADEMFWNHVSMCILNGGGIRSPIDERND
GTITWENLAAVLPFGGTFDLVQLKGSTLKKAFEHSVHRYGQSTGEFLQVGGIHVVYDLSRKPGDRVVKLDVLCTSCRVPS
YDPLKMDEVYKVILPNFLANGGDGFQMIKDELLRHDSGDQDINVVSTYISKMKVIYPAVEGRIKFS
;
_entity_poly.pdbx_strand_id   A
#
loop_
_chem_comp.id
_chem_comp.type
_chem_comp.name
_chem_comp.formula
C5P non-polymer CYTIDINE-5'-MONOPHOSPHATE 'C9 H14 N3 O8 P'
CA non-polymer 'CALCIUM ION' 'Ca 2'
CL non-polymer 'CHLORIDE ION' 'Cl -1'
GOL non-polymer GLYCEROL 'C3 H8 O3'
ZN non-polymer 'ZINC ION' 'Zn 2'
#
# COMPACT_ATOMS: atom_id res chain seq x y z
N PRO A 23 -10.76 27.91 24.98
CA PRO A 23 -10.74 26.64 24.20
C PRO A 23 -9.31 26.25 23.84
N TRP A 24 -9.03 24.97 23.88
CA TRP A 24 -7.66 24.44 23.69
C TRP A 24 -7.52 23.93 22.27
N GLU A 25 -6.57 24.49 21.52
CA GLU A 25 -6.51 24.17 20.07
C GLU A 25 -5.34 23.23 19.80
N LEU A 26 -5.61 22.17 19.07
CA LEU A 26 -4.60 21.19 18.64
C LEU A 26 -4.52 21.23 17.13
N THR A 27 -3.32 21.21 16.61
CA THR A 27 -3.03 20.97 15.20
C THR A 27 -2.53 19.53 15.04
N ILE A 28 -3.30 18.73 14.29
CA ILE A 28 -2.91 17.34 13.94
C ILE A 28 -2.34 17.35 12.54
N LEU A 29 -1.06 17.03 12.44
CA LEU A 29 -0.38 16.81 11.17
C LEU A 29 -0.31 15.32 10.95
N HIS A 30 -0.60 14.85 9.76
CA HIS A 30 -0.68 13.38 9.59
C HIS A 30 -0.30 12.93 8.18
N THR A 31 0.36 11.81 8.11
CA THR A 31 0.73 11.12 6.88
C THR A 31 0.20 9.67 6.98
N ASN A 32 0.04 9.02 5.85
CA ASN A 32 -0.38 7.61 5.77
C ASN A 32 0.05 7.05 4.43
N ASP A 33 0.36 5.76 4.41
CA ASP A 33 0.67 5.06 3.16
C ASP A 33 1.79 5.80 2.40
N VAL A 34 2.81 6.25 3.13
CA VAL A 34 3.99 6.92 2.52
C VAL A 34 4.71 5.95 1.59
N HIS A 35 4.73 4.68 1.95
CA HIS A 35 5.19 3.62 1.00
C HIS A 35 6.53 3.98 0.41
N SER A 36 7.49 4.28 1.28
CA SER A 36 8.93 4.26 0.92
CA SER A 36 8.94 4.27 0.95
C SER A 36 9.26 5.41 -0.04
N ARG A 37 8.42 6.45 -0.06
CA ARG A 37 8.70 7.65 -0.90
C ARG A 37 9.56 8.62 -0.10
N LEU A 38 10.79 8.18 0.22
CA LEU A 38 11.74 8.98 1.02
C LEU A 38 12.17 10.18 0.18
N GLU A 39 12.43 9.95 -1.10
CA GLU A 39 12.79 10.99 -2.07
C GLU A 39 11.55 11.66 -2.64
N GLN A 40 11.70 12.90 -3.07
CA GLN A 40 10.67 13.62 -3.86
C GLN A 40 10.37 12.78 -5.11
N THR A 41 9.13 12.93 -5.56
CA THR A 41 8.52 12.14 -6.65
C THR A 41 7.98 13.05 -7.75
N SER A 42 7.67 12.43 -8.89
CA SER A 42 6.81 13.08 -9.91
C SER A 42 5.42 13.30 -9.32
N GLU A 43 4.60 14.02 -10.06
CA GLU A 43 3.19 14.29 -9.69
C GLU A 43 2.43 12.96 -9.46
N ASP A 44 2.77 11.87 -10.13
CA ASP A 44 2.05 10.59 -10.04
C ASP A 44 2.79 9.69 -9.03
N SER A 45 3.74 10.22 -8.26
CA SER A 45 4.41 9.51 -7.14
C SER A 45 5.45 8.52 -7.66
N SER A 46 5.76 8.59 -8.96
CA SER A 46 6.84 7.77 -9.54
C SER A 46 8.14 8.55 -9.48
N LYS A 47 9.18 8.01 -10.07
CA LYS A 47 10.53 8.62 -10.02
C LYS A 47 10.47 10.11 -10.43
N CYS A 48 11.12 10.95 -9.66
CA CYS A 48 11.27 12.39 -9.96
C CYS A 48 12.16 12.52 -11.20
N VAL A 49 11.68 13.14 -12.29
CA VAL A 49 12.46 13.42 -13.53
C VAL A 49 12.73 14.93 -13.67
N ASP A 50 11.69 15.75 -13.59
CA ASP A 50 11.77 17.23 -13.71
C ASP A 50 11.72 17.81 -12.31
N ALA A 51 12.89 17.96 -11.68
CA ALA A 51 13.07 18.35 -10.26
C ALA A 51 12.23 19.58 -9.93
N SER A 52 12.22 20.56 -10.85
CA SER A 52 11.48 21.85 -10.73
C SER A 52 9.98 21.61 -10.47
N ARG A 53 9.43 20.44 -10.78
CA ARG A 53 7.98 20.15 -10.68
C ARG A 53 7.79 18.96 -9.69
N CYS A 54 8.84 18.50 -8.96
CA CYS A 54 8.69 17.29 -8.11
C CYS A 54 8.04 17.66 -6.77
N MET A 55 7.60 16.62 -6.06
CA MET A 55 6.68 16.74 -4.92
C MET A 55 7.07 15.78 -3.82
N GLY A 56 6.63 16.07 -2.59
CA GLY A 56 6.81 15.13 -1.49
C GLY A 56 8.27 14.91 -1.13
N GLY A 57 8.52 13.74 -0.55
CA GLY A 57 9.81 13.40 0.05
C GLY A 57 9.93 13.91 1.45
N VAL A 58 10.80 13.28 2.20
CA VAL A 58 10.94 13.61 3.64
CA VAL A 58 10.92 13.63 3.63
C VAL A 58 11.64 14.97 3.81
N ALA A 59 12.57 15.35 2.90
CA ALA A 59 13.24 16.65 3.09
C ALA A 59 12.25 17.82 3.00
N ARG A 60 11.33 17.76 2.07
CA ARG A 60 10.27 18.79 1.93
C ARG A 60 9.27 18.69 3.08
N LEU A 61 8.89 17.48 3.48
CA LEU A 61 7.99 17.32 4.63
C LEU A 61 8.63 18.04 5.83
N PHE A 62 9.93 17.83 6.03
CA PHE A 62 10.61 18.41 7.20
C PHE A 62 10.43 19.95 7.19
N THR A 63 10.65 20.60 6.05
CA THR A 63 10.49 22.06 5.90
C THR A 63 9.10 22.48 6.41
N LYS A 64 8.08 21.80 5.89
CA LYS A 64 6.68 22.19 6.20
C LYS A 64 6.33 21.94 7.66
N VAL A 65 6.71 20.80 8.19
CA VAL A 65 6.44 20.50 9.60
C VAL A 65 7.16 21.53 10.50
N GLN A 66 8.41 21.85 10.19
CA GLN A 66 9.17 22.84 10.95
C GLN A 66 8.43 24.17 10.93
N GLN A 67 7.99 24.60 9.76
CA GLN A 67 7.24 25.88 9.65
CA GLN A 67 7.26 25.89 9.63
C GLN A 67 6.02 25.87 10.54
N ILE A 68 5.25 24.80 10.48
CA ILE A 68 4.00 24.71 11.30
C ILE A 68 4.36 24.74 12.77
N ARG A 69 5.36 23.98 13.21
CA ARG A 69 5.70 23.96 14.63
C ARG A 69 6.23 25.32 15.13
N ARG A 70 6.75 26.18 14.25
CA ARG A 70 7.11 27.53 14.67
C ARG A 70 5.84 28.32 15.02
N ALA A 71 4.75 28.07 14.33
CA ALA A 71 3.51 28.89 14.35
C ALA A 71 2.46 28.40 15.34
N GLU A 72 2.39 27.09 15.57
CA GLU A 72 1.26 26.50 16.33
C GLU A 72 1.79 25.89 17.61
N PRO A 73 1.30 26.29 18.78
CA PRO A 73 1.86 25.77 20.03
C PRO A 73 1.65 24.27 20.27
N ASN A 74 0.48 23.78 19.90
CA ASN A 74 0.07 22.40 20.22
C ASN A 74 -0.02 21.61 18.92
N VAL A 75 0.99 20.80 18.65
CA VAL A 75 1.07 20.05 17.39
C VAL A 75 1.41 18.59 17.69
N LEU A 76 0.65 17.70 17.06
CA LEU A 76 1.03 16.28 16.97
C LEU A 76 1.31 15.97 15.48
N LEU A 77 2.34 15.18 15.25
CA LEU A 77 2.67 14.65 13.92
C LEU A 77 2.49 13.13 14.02
N LEU A 78 1.52 12.61 13.27
CA LEU A 78 1.08 11.21 13.37
C LEU A 78 1.21 10.53 12.02
N ASP A 79 1.51 9.24 12.06
CA ASP A 79 1.55 8.42 10.84
C ASP A 79 0.57 7.28 11.02
N ALA A 80 -0.32 7.04 10.04
CA ALA A 80 -1.34 5.98 10.13
C ALA A 80 -0.92 4.67 9.46
N GLY A 81 0.38 4.46 9.33
CA GLY A 81 0.92 3.17 8.92
C GLY A 81 1.30 3.10 7.42
N ASP A 82 1.93 1.99 7.04
CA ASP A 82 2.34 1.70 5.67
C ASP A 82 3.43 2.67 5.21
N GLN A 83 4.40 2.89 6.09
CA GLN A 83 5.71 3.44 5.67
C GLN A 83 6.50 2.37 4.90
N TYR A 84 6.43 1.14 5.36
CA TYR A 84 7.10 0.01 4.67
C TYR A 84 6.53 -0.18 3.27
N GLN A 85 7.42 -0.59 2.39
CA GLN A 85 7.16 -1.13 1.03
C GLN A 85 6.88 -0.04 0.01
N GLY A 86 7.63 -0.06 -1.09
CA GLY A 86 7.26 0.85 -2.19
C GLY A 86 8.40 1.24 -3.11
N THR A 87 9.64 1.30 -2.66
CA THR A 87 10.79 1.65 -3.51
C THR A 87 11.98 0.82 -3.08
N ILE A 88 13.04 1.01 -3.83
CA ILE A 88 14.35 0.39 -3.51
C ILE A 88 14.86 0.76 -2.11
N TRP A 89 14.43 1.88 -1.56
CA TRP A 89 14.76 2.24 -0.17
C TRP A 89 14.42 1.08 0.77
N PHE A 90 13.18 0.61 0.69
CA PHE A 90 12.71 -0.48 1.53
C PHE A 90 13.44 -1.79 1.23
N THR A 91 13.66 -2.08 -0.05
CA THR A 91 14.38 -3.30 -0.47
C THR A 91 15.73 -3.38 0.22
N VAL A 92 16.46 -2.26 0.22
CA VAL A 92 17.85 -2.26 0.73
C VAL A 92 17.86 -2.07 2.26
N TYR A 93 17.13 -1.07 2.74
CA TYR A 93 17.26 -0.67 4.16
C TYR A 93 16.26 -1.36 5.09
N LYS A 94 15.22 -1.95 4.52
CA LYS A 94 14.33 -2.91 5.23
C LYS A 94 13.69 -2.30 6.48
N GLY A 95 13.41 -1.02 6.46
CA GLY A 95 12.79 -0.35 7.60
C GLY A 95 13.74 0.55 8.39
N ALA A 96 15.06 0.33 8.28
CA ALA A 96 15.99 1.23 9.01
C ALA A 96 15.80 2.66 8.53
N GLU A 97 15.51 2.87 7.24
CA GLU A 97 15.30 4.21 6.69
C GLU A 97 14.03 4.85 7.31
N VAL A 98 13.01 4.03 7.62
CA VAL A 98 11.76 4.53 8.20
C VAL A 98 12.03 5.02 9.62
N ALA A 99 12.75 4.20 10.39
CA ALA A 99 13.03 4.66 11.76
C ALA A 99 13.90 5.92 11.73
N HIS A 100 14.91 5.90 10.86
CA HIS A 100 15.87 7.02 10.81
C HIS A 100 15.20 8.35 10.44
N PHE A 101 14.44 8.36 9.35
CA PHE A 101 13.87 9.61 8.82
C PHE A 101 12.60 9.97 9.60
N MET A 102 11.82 9.02 10.10
CA MET A 102 10.70 9.39 11.01
C MET A 102 11.23 9.99 12.31
N ASN A 103 12.37 9.47 12.78
CA ASN A 103 12.99 10.03 14.01
C ASN A 103 13.45 11.45 13.72
N ALA A 104 14.03 11.68 12.54
CA ALA A 104 14.51 13.03 12.17
C ALA A 104 13.34 14.01 12.08
N LEU A 105 12.16 13.57 11.70
CA LEU A 105 10.98 14.43 11.57
CA LEU A 105 10.94 14.40 11.57
C LEU A 105 10.27 14.55 12.94
N ARG A 106 10.73 13.80 13.94
CA ARG A 106 10.16 13.84 15.29
C ARG A 106 8.65 13.54 15.18
N TYR A 107 8.29 12.44 14.54
CA TYR A 107 6.89 11.94 14.65
C TYR A 107 6.57 11.72 16.14
N ASP A 108 5.33 12.00 16.49
CA ASP A 108 4.83 11.75 17.87
C ASP A 108 4.31 10.32 18.06
N ALA A 109 3.74 9.69 17.03
CA ALA A 109 3.21 8.32 17.12
C ALA A 109 2.98 7.77 15.71
N MET A 110 2.92 6.44 15.59
CA MET A 110 2.61 5.75 14.33
C MET A 110 1.74 4.56 14.68
N ALA A 111 0.75 4.28 13.86
CA ALA A 111 0.01 3.01 13.92
C ALA A 111 0.61 2.01 12.94
N LEU A 112 0.56 0.74 13.28
CA LEU A 112 1.01 -0.33 12.40
C LEU A 112 0.05 -0.48 11.22
N GLY A 113 0.61 -0.49 10.02
CA GLY A 113 -0.15 -0.83 8.82
C GLY A 113 0.08 -2.27 8.41
N ASN A 114 -0.65 -2.72 7.41
CA ASN A 114 -0.44 -4.08 6.95
C ASN A 114 0.95 -4.30 6.37
N HIS A 115 1.50 -3.33 5.65
CA HIS A 115 2.85 -3.53 5.04
C HIS A 115 3.96 -3.54 6.07
N GLU A 116 3.70 -3.09 7.32
CA GLU A 116 4.75 -3.22 8.35
C GLU A 116 5.01 -4.70 8.65
N PHE A 117 4.22 -5.61 8.12
CA PHE A 117 4.42 -7.07 8.32
C PHE A 117 5.02 -7.74 7.10
N ASP A 118 5.52 -6.97 6.13
CA ASP A 118 5.93 -7.59 4.86
C ASP A 118 7.14 -8.48 5.03
N ASN A 119 7.99 -8.16 5.99
CA ASN A 119 9.19 -8.96 6.30
C ASN A 119 9.02 -9.75 7.58
N GLY A 120 7.78 -10.13 7.86
CA GLY A 120 7.43 -10.87 9.07
C GLY A 120 7.53 -10.03 10.32
N VAL A 121 7.19 -10.66 11.41
CA VAL A 121 7.33 -10.03 12.74
CA VAL A 121 7.30 -9.96 12.69
C VAL A 121 8.80 -9.66 12.97
N GLU A 122 9.73 -10.53 12.57
CA GLU A 122 11.16 -10.26 12.81
C GLU A 122 11.59 -8.98 12.10
N GLY A 123 11.04 -8.74 10.92
CA GLY A 123 11.41 -7.55 10.12
C GLY A 123 10.68 -6.29 10.53
N LEU A 124 9.78 -6.40 11.48
CA LEU A 124 9.11 -5.26 12.16
C LEU A 124 9.84 -4.95 13.47
N ILE A 125 10.07 -5.97 14.29
CA ILE A 125 10.77 -5.79 15.61
C ILE A 125 12.13 -5.11 15.41
N GLU A 126 13.01 -5.61 14.54
N GLU A 126 12.90 -5.64 14.46
CA GLU A 126 14.46 -5.26 14.60
CA GLU A 126 14.19 -5.09 13.99
C GLU A 126 14.67 -3.85 14.05
C GLU A 126 14.12 -4.86 12.49
N PRO A 127 14.23 -3.57 12.80
N PRO A 127 13.96 -3.59 12.06
CA PRO A 127 14.54 -2.28 12.18
CA PRO A 127 14.64 -2.43 12.67
C PRO A 127 13.64 -1.17 12.71
C PRO A 127 13.64 -1.51 13.41
N LEU A 128 12.38 -1.49 13.04
CA LEU A 128 11.46 -0.37 13.38
C LEU A 128 11.13 -0.28 14.85
N LEU A 129 10.57 -1.33 15.43
CA LEU A 129 10.10 -1.20 16.84
C LEU A 129 11.29 -0.88 17.75
N LYS A 130 12.46 -1.45 17.48
CA LYS A 130 13.61 -1.24 18.38
C LYS A 130 14.29 0.09 18.11
N GLU A 131 14.08 0.74 16.97
CA GLU A 131 14.85 1.96 16.67
C GLU A 131 13.97 3.23 16.64
N ALA A 132 12.65 3.12 16.52
CA ALA A 132 11.76 4.28 16.58
C ALA A 132 11.89 4.97 17.95
N LYS A 133 11.93 6.30 17.92
CA LYS A 133 11.94 7.12 19.16
C LYS A 133 10.53 7.60 19.53
N PHE A 134 9.54 7.04 18.95
CA PHE A 134 8.13 7.40 19.18
C PHE A 134 7.39 6.08 19.34
N PRO A 135 6.23 6.12 20.01
CA PRO A 135 5.43 4.92 20.17
C PRO A 135 4.79 4.45 18.87
N ILE A 136 4.73 3.12 18.75
CA ILE A 136 4.13 2.43 17.62
C ILE A 136 2.95 1.65 18.17
N LEU A 137 1.77 1.85 17.58
CA LEU A 137 0.48 1.54 18.21
C LEU A 137 -0.33 0.55 17.39
N SER A 138 -0.96 -0.36 18.11
CA SER A 138 -2.08 -1.15 17.59
C SER A 138 -2.78 -1.87 18.75
N ALA A 139 -4.04 -1.61 18.96
CA ALA A 139 -4.83 -2.16 20.09
C ALA A 139 -5.44 -3.51 19.74
N ASN A 140 -5.44 -3.89 18.46
CA ASN A 140 -6.19 -5.08 18.02
C ASN A 140 -5.26 -6.18 17.50
N ILE A 141 -4.00 -6.13 17.84
CA ILE A 141 -3.08 -7.24 17.50
C ILE A 141 -2.59 -7.92 18.77
N SER A 142 -2.81 -9.20 18.93
CA SER A 142 -2.36 -9.92 20.13
C SER A 142 -1.42 -11.04 19.68
N ALA A 143 -0.48 -11.40 20.56
CA ALA A 143 0.54 -12.43 20.33
C ALA A 143 0.34 -13.53 21.39
N SER A 144 0.84 -14.70 21.07
CA SER A 144 0.78 -15.85 22.00
C SER A 144 2.10 -16.58 21.96
N GLY A 145 2.28 -17.52 22.88
CA GLY A 145 3.52 -18.28 23.03
C GLY A 145 4.71 -17.35 23.22
N PRO A 146 5.92 -17.88 22.95
CA PRO A 146 7.13 -17.14 23.19
C PRO A 146 7.17 -15.78 22.47
N LEU A 147 6.52 -15.64 21.32
CA LEU A 147 6.47 -14.29 20.65
C LEU A 147 5.86 -13.27 21.61
N ALA A 148 4.83 -13.62 22.35
CA ALA A 148 4.19 -12.63 23.27
C ALA A 148 5.22 -12.00 24.19
N SER A 149 6.11 -12.80 24.78
CA SER A 149 7.18 -12.31 25.67
C SER A 149 8.19 -11.47 24.89
N GLN A 150 8.54 -11.93 23.71
CA GLN A 150 9.56 -11.25 22.85
C GLN A 150 9.10 -9.86 22.46
N ILE A 151 7.81 -9.68 22.18
CA ILE A 151 7.33 -8.44 21.56
C ILE A 151 6.64 -7.54 22.61
N SER A 152 6.45 -8.03 23.86
CA SER A 152 5.67 -7.30 24.87
C SER A 152 6.20 -5.86 25.00
N GLY A 153 5.32 -4.88 24.83
CA GLY A 153 5.63 -3.46 25.05
C GLY A 153 6.32 -2.83 23.85
N LEU A 154 6.73 -3.60 22.84
CA LEU A 154 7.45 -3.01 21.69
C LEU A 154 6.48 -2.24 20.75
N TYR A 155 5.24 -2.67 20.73
CA TYR A 155 4.09 -1.85 20.24
C TYR A 155 3.09 -1.86 21.40
N LEU A 156 2.22 -0.88 21.36
CA LEU A 156 1.30 -0.58 22.48
C LEU A 156 -0.10 -0.42 21.94
N PRO A 157 -1.13 -0.67 22.77
CA PRO A 157 -2.49 -0.41 22.35
C PRO A 157 -2.72 1.09 22.17
N TYR A 158 -2.13 1.91 23.01
CA TYR A 158 -2.30 3.37 23.03
C TYR A 158 -1.10 3.99 23.71
N LYS A 159 -0.98 5.30 23.59
CA LYS A 159 -0.01 6.08 24.38
C LYS A 159 -0.70 7.39 24.74
N VAL A 160 -0.56 7.77 25.97
CA VAL A 160 -0.99 9.12 26.45
C VAL A 160 0.19 10.06 26.29
N LEU A 161 0.02 11.10 25.48
CA LEU A 161 1.10 12.04 25.18
C LEU A 161 0.82 13.40 25.80
N PRO A 162 1.80 14.01 26.47
CA PRO A 162 1.69 15.39 26.89
C PRO A 162 1.80 16.29 25.67
N VAL A 163 0.93 17.29 25.62
CA VAL A 163 0.93 18.34 24.60
C VAL A 163 0.63 19.64 25.34
N GLY A 164 1.60 20.56 25.34
CA GLY A 164 1.48 21.77 26.16
C GLY A 164 1.20 21.34 27.58
N ASP A 165 0.14 21.85 28.21
CA ASP A 165 -0.21 21.51 29.61
C ASP A 165 -1.30 20.43 29.66
N GLU A 166 -1.66 19.83 28.54
CA GLU A 166 -2.76 18.85 28.49
C GLU A 166 -2.18 17.48 28.16
N VAL A 167 -3.03 16.46 28.09
CA VAL A 167 -2.60 15.16 27.55
C VAL A 167 -3.62 14.76 26.50
N VAL A 168 -3.14 14.00 25.54
CA VAL A 168 -3.97 13.41 24.46
C VAL A 168 -3.67 11.92 24.40
N GLY A 169 -4.72 11.13 24.44
CA GLY A 169 -4.60 9.70 24.20
C GLY A 169 -4.66 9.40 22.72
N ILE A 170 -3.75 8.55 22.29
CA ILE A 170 -3.75 8.04 20.91
CA ILE A 170 -3.65 8.04 20.90
C ILE A 170 -3.84 6.53 20.95
N VAL A 171 -4.87 6.03 20.30
N VAL A 171 -4.95 6.04 20.45
CA VAL A 171 -5.26 4.59 20.34
CA VAL A 171 -5.17 4.56 20.38
C VAL A 171 -5.13 4.02 18.93
C VAL A 171 -5.00 4.09 18.93
N GLY A 172 -4.30 2.97 18.73
CA GLY A 172 -4.02 2.46 17.40
C GLY A 172 -4.90 1.29 16.99
N TYR A 173 -4.90 1.08 15.68
CA TYR A 173 -5.59 -0.11 15.09
C TYR A 173 -5.00 -0.47 13.74
N THR A 174 -5.11 -1.76 13.40
CA THR A 174 -4.55 -2.30 12.16
C THR A 174 -5.56 -3.24 11.48
N SER A 175 -5.62 -3.19 10.14
CA SER A 175 -6.56 -3.97 9.32
C SER A 175 -6.63 -5.40 9.84
N LYS A 176 -7.85 -5.86 10.11
CA LYS A 176 -8.14 -7.29 10.40
C LYS A 176 -7.71 -8.19 9.23
N GLU A 177 -7.63 -7.61 8.03
CA GLU A 177 -7.30 -8.35 6.80
C GLU A 177 -5.79 -8.56 6.63
N THR A 178 -4.97 -8.00 7.54
CA THR A 178 -3.50 -8.07 7.36
C THR A 178 -2.98 -9.48 7.00
N PRO A 179 -3.48 -10.59 7.55
CA PRO A 179 -2.99 -11.92 7.16
C PRO A 179 -3.08 -12.24 5.66
N PHE A 180 -4.05 -11.61 4.96
CA PHE A 180 -4.20 -11.84 3.50
C PHE A 180 -3.37 -10.84 2.70
N LEU A 181 -2.86 -9.79 3.36
CA LEU A 181 -2.27 -8.62 2.67
C LEU A 181 -0.80 -8.44 3.02
N SER A 182 -0.23 -9.35 3.80
CA SER A 182 1.15 -9.23 4.27
C SER A 182 1.54 -10.57 4.87
N ASN A 183 2.65 -10.61 5.60
CA ASN A 183 3.28 -11.85 6.11
C ASN A 183 3.44 -11.82 7.63
N PRO A 184 2.38 -11.59 8.42
CA PRO A 184 2.49 -11.47 9.88
C PRO A 184 2.78 -12.78 10.60
N GLY A 185 2.65 -13.92 9.93
CA GLY A 185 2.93 -15.19 10.60
C GLY A 185 1.69 -15.73 11.30
N THR A 186 1.80 -16.87 11.94
CA THR A 186 0.60 -17.55 12.51
C THR A 186 0.50 -17.38 14.01
N ASN A 187 1.34 -16.57 14.60
CA ASN A 187 1.19 -16.35 16.05
C ASN A 187 0.20 -15.20 16.28
N LEU A 188 0.39 -14.11 15.56
CA LEU A 188 -0.37 -12.88 15.76
C LEU A 188 -1.82 -13.09 15.37
N VAL A 189 -2.71 -12.52 16.15
CA VAL A 189 -4.15 -12.51 15.87
C VAL A 189 -4.61 -11.07 15.72
N PHE A 190 -5.23 -10.76 14.59
CA PHE A 190 -5.83 -9.44 14.27
C PHE A 190 -7.32 -9.49 14.62
N GLU A 191 -7.66 -8.81 15.70
CA GLU A 191 -9.02 -8.79 16.30
CA GLU A 191 -9.02 -8.82 16.29
C GLU A 191 -9.86 -7.76 15.55
N ASP A 192 -11.15 -7.93 15.58
CA ASP A 192 -12.06 -6.87 15.09
C ASP A 192 -11.69 -5.53 15.76
N GLU A 193 -11.58 -4.48 14.97
CA GLU A 193 -11.08 -3.17 15.44
C GLU A 193 -12.00 -2.59 16.51
N ILE A 194 -13.30 -2.48 16.27
CA ILE A 194 -14.22 -1.82 17.22
C ILE A 194 -14.25 -2.60 18.54
N THR A 195 -14.26 -3.92 18.46
CA THR A 195 -14.28 -4.81 19.67
C THR A 195 -13.05 -4.48 20.54
N ALA A 196 -11.89 -4.34 19.90
CA ALA A 196 -10.62 -4.13 20.62
C ALA A 196 -10.51 -2.69 21.14
N LEU A 197 -10.98 -1.72 20.34
CA LEU A 197 -10.81 -0.30 20.67
C LEU A 197 -11.65 0.11 21.85
N GLN A 198 -12.89 -0.35 21.92
CA GLN A 198 -13.84 0.28 22.87
C GLN A 198 -13.31 0.18 24.30
N PRO A 199 -12.86 -1.00 24.80
CA PRO A 199 -12.44 -1.07 26.18
C PRO A 199 -11.20 -0.20 26.47
N GLU A 200 -10.33 -0.05 25.49
CA GLU A 200 -9.14 0.79 25.70
C GLU A 200 -9.56 2.26 25.82
N VAL A 201 -10.49 2.70 24.99
CA VAL A 201 -11.01 4.08 25.05
C VAL A 201 -11.72 4.30 26.40
N ASP A 202 -12.53 3.32 26.82
N ASP A 202 -12.56 3.38 26.85
CA ASP A 202 -13.25 3.33 28.12
CA ASP A 202 -13.24 3.58 28.15
C ASP A 202 -12.23 3.49 29.27
C ASP A 202 -12.17 3.59 29.27
N LYS A 203 -11.13 2.76 29.18
CA LYS A 203 -10.07 2.75 30.20
C LYS A 203 -9.43 4.16 30.26
N LEU A 204 -9.09 4.75 29.13
CA LEU A 204 -8.45 6.07 29.12
C LEU A 204 -9.36 7.07 29.84
N LYS A 205 -10.68 7.01 29.60
CA LYS A 205 -11.66 7.88 30.28
CA LYS A 205 -11.66 7.88 30.28
C LYS A 205 -11.48 7.72 31.79
N THR A 206 -11.31 6.49 32.28
CA THR A 206 -11.14 6.25 33.75
C THR A 206 -9.84 6.88 34.27
N LEU A 207 -8.88 7.15 33.42
CA LEU A 207 -7.55 7.67 33.79
C LEU A 207 -7.48 9.19 33.51
N ASN A 208 -8.62 9.84 33.36
CA ASN A 208 -8.71 11.31 33.28
C ASN A 208 -8.09 11.77 31.95
N VAL A 209 -8.21 10.95 30.92
CA VAL A 209 -7.78 11.34 29.56
C VAL A 209 -9.06 11.62 28.75
N ASN A 210 -9.32 12.90 28.43
CA ASN A 210 -10.62 13.30 27.87
C ASN A 210 -10.50 13.72 26.40
N LYS A 211 -9.32 13.63 25.79
CA LYS A 211 -9.09 13.92 24.37
C LYS A 211 -8.45 12.68 23.79
N ILE A 212 -9.11 12.06 22.83
CA ILE A 212 -8.74 10.73 22.32
C ILE A 212 -8.74 10.77 20.79
N ILE A 213 -7.62 10.41 20.21
CA ILE A 213 -7.49 10.25 18.74
C ILE A 213 -7.36 8.77 18.46
N ALA A 214 -8.14 8.26 17.53
CA ALA A 214 -7.95 6.89 17.01
C ALA A 214 -7.10 7.01 15.75
N LEU A 215 -5.94 6.42 15.77
CA LEU A 215 -4.96 6.47 14.68
C LEU A 215 -4.83 5.04 14.16
N GLY A 216 -5.15 4.77 12.89
CA GLY A 216 -5.03 3.36 12.48
C GLY A 216 -5.20 3.15 11.00
N HIS A 217 -5.16 1.86 10.65
CA HIS A 217 -4.79 1.42 9.30
C HIS A 217 -5.72 0.32 8.82
N SER A 218 -7.00 0.65 8.59
CA SER A 218 -8.04 -0.29 8.16
C SER A 218 -8.79 0.22 6.95
N GLY A 219 -8.63 1.46 6.54
CA GLY A 219 -9.38 1.96 5.39
C GLY A 219 -10.48 2.88 5.82
N PHE A 220 -10.82 3.80 4.89
CA PHE A 220 -11.85 4.83 5.11
C PHE A 220 -13.17 4.28 5.62
N GLU A 221 -13.63 3.17 5.03
CA GLU A 221 -14.94 2.64 5.47
C GLU A 221 -14.89 2.21 6.93
N MET A 222 -13.85 1.52 7.35
CA MET A 222 -13.76 1.11 8.77
C MET A 222 -13.52 2.36 9.61
N ASP A 223 -12.75 3.32 9.12
CA ASP A 223 -12.55 4.58 9.88
C ASP A 223 -13.89 5.23 10.25
N LYS A 224 -14.81 5.26 9.28
CA LYS A 224 -16.15 5.85 9.51
C LYS A 224 -16.91 5.02 10.58
N LEU A 225 -16.82 3.70 10.50
CA LEU A 225 -17.52 2.84 11.52
C LEU A 225 -16.93 3.10 12.90
N ILE A 226 -15.61 3.22 12.99
CA ILE A 226 -14.95 3.50 14.30
C ILE A 226 -15.42 4.87 14.85
N ALA A 227 -15.49 5.89 14.01
CA ALA A 227 -15.94 7.25 14.44
C ALA A 227 -17.38 7.16 14.97
N GLN A 228 -18.21 6.37 14.28
CA GLN A 228 -19.61 6.19 14.62
C GLN A 228 -19.76 5.44 15.96
N LYS A 229 -19.05 4.31 16.11
CA LYS A 229 -19.44 3.28 17.10
C LYS A 229 -18.53 3.28 18.33
N VAL A 230 -17.29 3.79 18.23
CA VAL A 230 -16.39 3.71 19.41
C VAL A 230 -16.61 4.97 20.23
N ARG A 231 -17.37 4.84 21.29
CA ARG A 231 -17.77 5.96 22.15
C ARG A 231 -16.52 6.55 22.82
N GLY A 232 -16.36 7.87 22.72
CA GLY A 232 -15.22 8.57 23.32
C GLY A 232 -14.12 8.94 22.35
N VAL A 233 -14.17 8.41 21.12
CA VAL A 233 -13.18 8.82 20.09
C VAL A 233 -13.58 10.22 19.63
N ASP A 234 -12.61 11.14 19.66
CA ASP A 234 -12.88 12.53 19.26
C ASP A 234 -12.58 12.76 17.78
N VAL A 235 -11.56 12.08 17.27
CA VAL A 235 -10.99 12.27 15.91
CA VAL A 235 -11.09 12.24 15.87
C VAL A 235 -10.51 10.91 15.40
N VAL A 236 -10.72 10.58 14.12
CA VAL A 236 -10.11 9.37 13.53
C VAL A 236 -9.15 9.81 12.42
N VAL A 237 -7.94 9.34 12.52
CA VAL A 237 -6.86 9.56 11.56
C VAL A 237 -6.50 8.21 10.95
N GLY A 238 -6.82 8.08 9.66
CA GLY A 238 -6.75 6.78 9.02
C GLY A 238 -5.83 6.68 7.83
N GLY A 239 -5.96 5.55 7.15
CA GLY A 239 -5.05 5.20 6.07
C GLY A 239 -5.55 3.98 5.31
N HIS A 240 -4.63 3.30 4.63
CA HIS A 240 -4.77 2.01 3.92
C HIS A 240 -5.42 2.14 2.52
N SER A 241 -6.52 2.88 2.45
CA SER A 241 -7.33 3.06 1.22
C SER A 241 -6.83 4.21 0.32
N ASN A 242 -5.74 4.86 0.72
CA ASN A 242 -5.13 6.00 -0.02
C ASN A 242 -6.19 7.04 -0.30
N THR A 243 -7.04 7.31 0.67
CA THR A 243 -8.23 8.15 0.47
C THR A 243 -7.81 9.61 0.47
N PHE A 244 -8.20 10.34 -0.57
CA PHE A 244 -7.97 11.79 -0.64
C PHE A 244 -9.30 12.48 -0.33
N LEU A 245 -9.26 13.31 0.69
CA LEU A 245 -10.34 14.17 1.18
C LEU A 245 -9.92 15.62 1.02
N TYR A 246 -10.84 16.48 0.60
CA TYR A 246 -10.50 17.91 0.43
C TYR A 246 -11.78 18.73 0.54
N THR A 247 -11.66 19.92 1.11
CA THR A 247 -12.70 20.97 1.16
C THR A 247 -12.32 22.09 0.22
N GLY A 248 -12.97 22.13 -0.93
CA GLY A 248 -12.70 23.16 -1.92
C GLY A 248 -12.18 22.61 -3.21
N ASN A 249 -11.57 23.50 -4.00
N ASN A 249 -11.55 23.48 -4.03
CA ASN A 249 -11.05 23.14 -5.31
CA ASN A 249 -10.96 23.03 -5.32
C ASN A 249 -9.76 22.34 -5.04
C ASN A 249 -9.68 22.31 -5.04
N PRO A 250 -9.56 21.08 -5.53
CA PRO A 250 -8.39 20.28 -5.25
C PRO A 250 -7.18 20.93 -5.88
N PRO A 251 -6.00 20.82 -5.25
CA PRO A 251 -4.80 21.49 -5.71
C PRO A 251 -3.98 20.76 -6.77
N SER A 252 -4.30 19.47 -7.00
CA SER A 252 -3.53 18.62 -7.93
C SER A 252 -4.50 17.69 -8.66
N LYS A 253 -4.03 16.52 -9.12
CA LYS A 253 -4.75 15.55 -10.01
CA LYS A 253 -4.88 15.68 -10.03
C LYS A 253 -5.72 14.69 -9.19
N GLU A 254 -5.50 14.54 -7.90
CA GLU A 254 -6.30 13.61 -7.07
C GLU A 254 -7.69 14.19 -6.90
N VAL A 255 -8.69 13.35 -7.11
CA VAL A 255 -10.12 13.72 -7.03
C VAL A 255 -10.61 13.33 -5.67
N PRO A 256 -11.11 14.27 -4.88
CA PRO A 256 -11.55 13.96 -3.54
C PRO A 256 -12.71 12.97 -3.47
N ALA A 257 -12.69 12.12 -2.45
CA ALA A 257 -13.73 11.12 -2.16
C ALA A 257 -14.79 11.74 -1.24
N GLY A 258 -14.47 12.87 -0.64
CA GLY A 258 -15.34 13.63 0.26
C GLY A 258 -14.68 14.85 0.81
N LYS A 259 -15.39 15.54 1.70
CA LYS A 259 -14.84 16.74 2.38
C LYS A 259 -13.72 16.34 3.37
N TYR A 260 -12.85 17.31 3.67
CA TYR A 260 -11.83 17.20 4.73
C TYR A 260 -12.17 18.24 5.80
N PRO A 261 -12.37 17.83 7.05
CA PRO A 261 -12.52 16.43 7.43
C PRO A 261 -13.86 15.85 6.99
N PHE A 262 -13.99 14.52 7.03
CA PHE A 262 -15.27 13.84 6.73
C PHE A 262 -15.99 13.70 8.08
N ILE A 263 -17.19 14.26 8.20
CA ILE A 263 -17.91 14.27 9.49
C ILE A 263 -18.82 13.06 9.61
N VAL A 264 -18.59 12.29 10.64
CA VAL A 264 -19.49 11.18 11.02
C VAL A 264 -20.27 11.65 12.26
N THR A 265 -21.53 11.32 12.33
CA THR A 265 -22.32 11.55 13.56
C THR A 265 -22.21 10.28 14.40
N SER A 266 -21.66 10.39 15.60
CA SER A 266 -21.49 9.20 16.46
C SER A 266 -22.84 8.74 17.01
N ASP A 267 -22.86 7.50 17.46
CA ASP A 267 -24.02 6.93 18.12
C ASP A 267 -24.41 7.75 19.35
N ASP A 268 -23.48 8.45 20.00
CA ASP A 268 -23.81 9.31 21.17
C ASP A 268 -24.15 10.73 20.74
N GLY A 269 -24.17 11.03 19.43
CA GLY A 269 -24.69 12.29 18.91
C GLY A 269 -23.65 13.33 18.60
N ARG A 270 -22.35 13.10 18.87
CA ARG A 270 -21.22 14.03 18.57
C ARG A 270 -20.89 13.96 17.08
N LYS A 271 -20.31 15.05 16.62
CA LYS A 271 -19.71 15.12 15.29
C LYS A 271 -18.26 14.72 15.43
N VAL A 272 -17.85 13.69 14.69
CA VAL A 272 -16.49 13.15 14.79
C VAL A 272 -15.81 13.31 13.44
N PRO A 273 -14.74 14.12 13.36
CA PRO A 273 -13.99 14.27 12.14
C PRO A 273 -13.18 12.99 11.85
N VAL A 274 -13.17 12.64 10.57
CA VAL A 274 -12.40 11.51 10.00
C VAL A 274 -11.52 12.10 8.91
N VAL A 275 -10.24 11.82 9.00
CA VAL A 275 -9.24 12.33 8.03
C VAL A 275 -8.35 11.20 7.51
N GLN A 276 -7.84 11.46 6.32
CA GLN A 276 -6.80 10.68 5.61
C GLN A 276 -6.11 11.65 4.69
N ALA A 277 -4.94 11.27 4.19
CA ALA A 277 -4.12 12.19 3.38
C ALA A 277 -3.49 11.48 2.19
N TYR A 278 -4.33 10.81 1.40
CA TYR A 278 -3.92 10.17 0.12
C TYR A 278 -2.81 9.13 0.41
N ALA A 279 -1.63 9.26 -0.18
CA ALA A 279 -0.53 8.29 -0.07
C ALA A 279 0.75 8.91 -0.62
N PHE A 280 1.85 8.21 -0.44
CA PHE A 280 3.12 8.49 -1.16
C PHE A 280 3.77 9.79 -0.71
N GLY A 281 3.40 10.34 0.45
CA GLY A 281 4.03 11.55 0.97
C GLY A 281 3.76 12.79 0.14
N LYS A 282 2.79 12.75 -0.76
CA LYS A 282 2.48 13.90 -1.65
C LYS A 282 1.85 15.05 -0.87
N TYR A 283 1.09 14.71 0.14
CA TYR A 283 0.38 15.71 0.98
C TYR A 283 0.72 15.50 2.46
N LEU A 284 0.66 16.59 3.22
CA LEU A 284 0.65 16.57 4.69
C LEU A 284 -0.77 16.87 5.12
N GLY A 285 -1.39 15.93 5.81
CA GLY A 285 -2.66 16.23 6.45
C GLY A 285 -2.51 17.32 7.48
N TYR A 286 -3.52 18.16 7.64
CA TYR A 286 -3.48 19.30 8.57
C TYR A 286 -4.89 19.55 9.07
N LEU A 287 -5.16 19.18 10.34
CA LEU A 287 -6.47 19.36 10.93
C LEU A 287 -6.33 20.16 12.22
N LYS A 288 -7.08 21.23 12.34
CA LYS A 288 -7.14 22.03 13.57
C LYS A 288 -8.42 21.70 14.32
N ILE A 289 -8.28 21.31 15.57
CA ILE A 289 -9.39 20.91 16.48
CA ILE A 289 -9.43 20.96 16.43
C ILE A 289 -9.43 21.91 17.62
N GLU A 290 -10.61 22.43 17.91
CA GLU A 290 -10.83 23.18 19.17
C GLU A 290 -11.56 22.26 20.15
N PHE A 291 -11.01 22.14 21.34
CA PHE A 291 -11.56 21.34 22.46
C PHE A 291 -11.99 22.26 23.58
N ASP A 292 -13.14 21.92 24.18
CA ASP A 292 -13.56 22.55 25.45
C ASP A 292 -12.81 21.86 26.60
N GLU A 293 -13.04 22.38 27.82
CA GLU A 293 -12.32 21.99 29.07
C GLU A 293 -12.58 20.49 29.35
N ARG A 294 -13.71 19.94 28.90
CA ARG A 294 -14.09 18.50 29.11
C ARG A 294 -13.63 17.62 27.94
N GLY A 295 -12.85 18.14 27.00
CA GLY A 295 -12.36 17.34 25.87
C GLY A 295 -13.38 17.12 24.79
N ASN A 296 -14.48 17.86 24.76
CA ASN A 296 -15.42 17.78 23.61
C ASN A 296 -14.90 18.64 22.46
N VAL A 297 -15.01 18.11 21.25
CA VAL A 297 -14.63 18.86 20.03
C VAL A 297 -15.70 19.95 19.77
N ILE A 298 -15.29 21.21 19.79
CA ILE A 298 -16.15 22.37 19.50
C ILE A 298 -16.14 22.62 17.99
N SER A 299 -14.96 22.47 17.35
CA SER A 299 -14.85 22.73 15.90
C SER A 299 -13.70 21.93 15.33
N SER A 300 -13.76 21.69 14.03
CA SER A 300 -12.66 21.02 13.31
C SER A 300 -12.60 21.60 11.91
N HIS A 301 -11.40 21.90 11.42
CA HIS A 301 -11.28 22.37 10.02
C HIS A 301 -9.86 22.15 9.55
N GLY A 302 -9.72 22.06 8.23
CA GLY A 302 -8.37 22.00 7.69
C GLY A 302 -8.37 21.55 6.27
N ASN A 303 -7.26 20.97 5.86
CA ASN A 303 -7.09 20.49 4.48
C ASN A 303 -5.71 19.89 4.40
N PRO A 304 -5.52 18.85 3.57
CA PRO A 304 -4.16 18.41 3.32
C PRO A 304 -3.44 19.52 2.55
N ILE A 305 -2.13 19.59 2.77
CA ILE A 305 -1.22 20.57 2.14
C ILE A 305 -0.46 19.82 1.06
N LEU A 306 -0.59 20.24 -0.20
CA LEU A 306 0.20 19.67 -1.30
C LEU A 306 1.68 20.04 -1.09
N LEU A 307 2.53 19.01 -1.00
CA LEU A 307 3.97 19.24 -0.81
C LEU A 307 4.63 19.44 -2.17
N ASP A 308 4.38 20.59 -2.78
CA ASP A 308 4.94 20.83 -4.11
C ASP A 308 6.24 21.63 -4.02
N SER A 309 6.79 21.96 -5.21
CA SER A 309 8.14 22.53 -5.33
CA SER A 309 8.14 22.52 -5.32
C SER A 309 8.20 23.93 -4.75
N SER A 310 7.07 24.55 -4.45
CA SER A 310 7.12 25.91 -3.84
C SER A 310 7.67 25.79 -2.39
N ILE A 311 7.67 24.57 -1.81
CA ILE A 311 8.27 24.34 -0.47
C ILE A 311 9.65 23.76 -0.68
N PRO A 312 10.70 24.43 -0.21
CA PRO A 312 12.04 23.91 -0.43
C PRO A 312 12.31 22.63 0.39
N GLU A 313 13.12 21.75 -0.20
CA GLU A 313 13.63 20.57 0.54
C GLU A 313 14.62 21.06 1.63
N ASP A 314 14.43 20.61 2.85
CA ASP A 314 15.40 20.97 3.91
C ASP A 314 16.80 20.56 3.48
N PRO A 315 17.79 21.48 3.46
CA PRO A 315 19.13 21.10 3.01
C PRO A 315 19.79 19.97 3.79
N SER A 316 19.64 19.96 5.11
CA SER A 316 20.28 18.91 5.94
CA SER A 316 20.32 18.90 5.89
C SER A 316 19.64 17.55 5.66
N ILE A 317 18.32 17.50 5.68
CA ILE A 317 17.65 16.20 5.43
C ILE A 317 18.02 15.76 4.02
N LYS A 318 18.02 16.67 3.04
CA LYS A 318 18.35 16.31 1.63
C LYS A 318 19.76 15.72 1.57
N ALA A 319 20.71 16.33 2.25
CA ALA A 319 22.10 15.83 2.22
C ALA A 319 22.18 14.42 2.83
N ASP A 320 21.41 14.19 3.89
CA ASP A 320 21.37 12.86 4.52
C ASP A 320 20.76 11.87 3.54
N ILE A 321 19.63 12.21 2.92
CA ILE A 321 19.01 11.35 1.88
C ILE A 321 20.08 11.03 0.81
N ASN A 322 20.83 12.03 0.33
CA ASN A 322 21.80 11.76 -0.75
C ASN A 322 22.91 10.83 -0.27
N LYS A 323 23.29 10.93 1.00
CA LYS A 323 24.31 10.01 1.57
C LYS A 323 23.74 8.58 1.58
N TRP A 324 22.49 8.41 2.04
CA TRP A 324 21.84 7.06 2.11
C TRP A 324 21.66 6.47 0.70
N ARG A 325 21.51 7.32 -0.32
CA ARG A 325 21.29 6.87 -1.71
C ARG A 325 22.48 6.10 -2.27
N ILE A 326 23.66 6.31 -1.73
CA ILE A 326 24.85 5.63 -2.32
C ILE A 326 24.65 4.12 -2.30
N LYS A 327 24.25 3.52 -1.18
CA LYS A 327 24.07 2.05 -1.08
C LYS A 327 22.95 1.60 -2.04
N LEU A 328 21.97 2.46 -2.32
CA LEU A 328 20.90 2.10 -3.27
C LEU A 328 21.49 2.02 -4.69
N ASP A 329 22.33 3.00 -5.05
CA ASP A 329 22.94 3.04 -6.40
C ASP A 329 23.81 1.80 -6.52
N ASP A 330 24.54 1.43 -5.49
CA ASP A 330 25.45 0.25 -5.55
C ASP A 330 24.59 -1.00 -5.72
N TYR A 331 23.53 -1.10 -4.96
CA TYR A 331 22.66 -2.31 -4.97
C TYR A 331 22.06 -2.49 -6.39
N SER A 332 21.70 -1.38 -7.00
CA SER A 332 20.93 -1.39 -8.27
CA SER A 332 21.00 -1.31 -8.32
C SER A 332 21.67 -2.16 -9.39
N THR A 333 23.00 -2.28 -9.33
CA THR A 333 23.76 -2.97 -10.41
C THR A 333 24.29 -4.32 -9.94
N GLN A 334 23.87 -4.80 -8.77
CA GLN A 334 24.29 -6.15 -8.27
C GLN A 334 23.47 -7.24 -8.96
N GLU A 335 24.07 -8.38 -9.16
CA GLU A 335 23.36 -9.55 -9.72
C GLU A 335 22.31 -10.01 -8.68
N LEU A 336 21.04 -10.13 -9.07
CA LEU A 336 19.98 -10.69 -8.22
C LEU A 336 19.88 -12.20 -8.43
N GLY A 337 20.19 -12.61 -9.65
CA GLY A 337 20.05 -13.98 -10.12
C GLY A 337 20.35 -14.05 -11.60
N LYS A 338 20.07 -15.23 -12.17
CA LYS A 338 20.42 -15.50 -13.55
C LYS A 338 19.19 -15.98 -14.31
N THR A 339 19.18 -15.68 -15.61
CA THR A 339 18.32 -16.32 -16.60
C THR A 339 19.19 -17.07 -17.60
N ILE A 340 18.74 -18.27 -17.96
CA ILE A 340 19.35 -19.04 -19.07
C ILE A 340 18.53 -18.90 -20.34
N VAL A 341 17.43 -18.14 -20.30
CA VAL A 341 16.56 -17.89 -21.49
C VAL A 341 16.50 -16.37 -21.73
N TYR A 342 16.32 -16.01 -22.99
CA TYR A 342 15.97 -14.62 -23.33
C TYR A 342 14.65 -14.28 -22.64
N LEU A 343 14.58 -13.13 -21.95
CA LEU A 343 13.33 -12.74 -21.32
C LEU A 343 12.66 -11.75 -22.29
N ASP A 344 11.70 -12.26 -23.04
CA ASP A 344 11.07 -11.53 -24.16
C ASP A 344 9.98 -10.64 -23.61
N GLY A 345 10.34 -9.38 -23.30
CA GLY A 345 9.43 -8.30 -22.97
C GLY A 345 9.26 -7.33 -24.10
N SER A 346 9.43 -7.76 -25.35
CA SER A 346 9.22 -6.93 -26.54
C SER A 346 7.73 -6.66 -26.72
N SER A 347 7.37 -5.50 -27.27
CA SER A 347 5.93 -5.22 -27.54
C SER A 347 5.42 -6.19 -28.64
N GLN A 348 6.29 -6.52 -29.61
CA GLN A 348 5.86 -7.37 -30.76
C GLN A 348 5.43 -8.74 -30.23
N SER A 349 5.97 -9.19 -29.10
CA SER A 349 5.51 -10.41 -28.43
C SER A 349 4.37 -10.10 -27.44
N CYS A 350 4.63 -9.26 -26.46
CA CYS A 350 3.78 -9.15 -25.27
C CYS A 350 2.44 -8.42 -25.55
N ARG A 351 2.31 -7.72 -26.65
CA ARG A 351 1.01 -7.11 -27.05
C ARG A 351 0.29 -7.95 -28.09
N PHE A 352 0.80 -9.13 -28.40
CA PHE A 352 0.23 -9.97 -29.47
C PHE A 352 0.00 -11.41 -29.08
N ARG A 353 0.72 -11.94 -28.12
CA ARG A 353 0.65 -13.37 -27.77
C ARG A 353 1.27 -13.58 -26.39
N GLU A 354 1.15 -14.78 -25.88
CA GLU A 354 1.85 -15.16 -24.63
C GLU A 354 3.33 -14.87 -24.78
N CYS A 355 3.91 -14.15 -23.83
CA CYS A 355 5.36 -13.86 -23.82
C CYS A 355 5.96 -14.36 -22.52
N ASN A 356 7.17 -14.86 -22.63
CA ASN A 356 7.74 -15.47 -21.42
C ASN A 356 8.06 -14.43 -20.34
N MET A 357 8.29 -13.17 -20.67
CA MET A 357 8.47 -12.17 -19.60
C MET A 357 7.15 -11.98 -18.83
N GLY A 358 6.03 -11.97 -19.54
CA GLY A 358 4.69 -11.92 -18.94
C GLY A 358 4.48 -13.05 -17.95
N ASN A 359 4.83 -14.26 -18.39
CA ASN A 359 4.66 -15.46 -17.56
C ASN A 359 5.54 -15.35 -16.30
N LEU A 360 6.75 -14.86 -16.47
CA LEU A 360 7.66 -14.66 -15.33
C LEU A 360 7.04 -13.70 -14.32
N ILE A 361 6.58 -12.56 -14.81
CA ILE A 361 6.08 -11.52 -13.90
C ILE A 361 4.82 -12.03 -13.19
N CYS A 362 3.90 -12.68 -13.89
CA CYS A 362 2.71 -13.24 -13.24
C CYS A 362 3.11 -14.33 -12.25
N ASP A 363 4.09 -15.14 -12.55
CA ASP A 363 4.52 -16.17 -11.60
C ASP A 363 5.10 -15.52 -10.32
N ALA A 364 5.79 -14.43 -10.50
CA ALA A 364 6.33 -13.66 -9.37
C ALA A 364 5.21 -13.05 -8.55
N MET A 365 4.18 -12.57 -9.24
CA MET A 365 3.03 -11.96 -8.57
C MET A 365 2.37 -13.01 -7.66
N ILE A 366 2.14 -14.20 -8.20
CA ILE A 366 1.49 -15.27 -7.38
CA ILE A 366 1.52 -15.31 -7.43
C ILE A 366 2.42 -15.68 -6.24
N ASN A 367 3.70 -15.86 -6.49
CA ASN A 367 4.66 -16.19 -5.41
C ASN A 367 4.62 -15.16 -4.28
N ASN A 368 4.51 -13.89 -4.61
CA ASN A 368 4.48 -12.79 -3.60
C ASN A 368 3.24 -12.88 -2.75
N ASN A 369 2.19 -13.50 -3.26
CA ASN A 369 0.86 -13.53 -2.60
C ASN A 369 0.59 -14.91 -2.02
N LEU A 370 1.62 -15.66 -1.74
CA LEU A 370 1.49 -16.86 -0.91
C LEU A 370 1.40 -16.44 0.55
N ARG A 371 0.24 -16.68 1.15
CA ARG A 371 -0.03 -16.28 2.53
C ARG A 371 -0.40 -17.55 3.31
N HIS A 372 -0.66 -17.44 4.56
CA HIS A 372 -1.12 -18.62 5.33
CA HIS A 372 -1.22 -18.53 5.42
C HIS A 372 -2.53 -19.00 4.80
N ALA A 373 -2.65 -20.30 4.62
CA ALA A 373 -3.77 -21.14 4.13
C ALA A 373 -4.23 -21.94 5.34
N ASP A 374 -5.53 -21.75 5.57
CA ASP A 374 -6.63 -22.69 5.86
C ASP A 374 -6.37 -24.09 5.27
N GLU A 375 -7.09 -25.01 5.87
CA GLU A 375 -7.31 -26.32 5.27
C GLU A 375 -8.30 -26.14 4.13
N MET A 376 -8.84 -24.92 3.89
CA MET A 376 -9.90 -24.69 2.90
C MET A 376 -9.31 -24.26 1.55
N PHE A 377 -8.03 -23.93 1.47
CA PHE A 377 -7.43 -23.52 0.19
C PHE A 377 -5.94 -23.80 0.23
N TRP A 378 -5.34 -24.14 -0.91
CA TRP A 378 -3.86 -24.28 -0.96
C TRP A 378 -3.21 -22.89 -0.86
N ASN A 379 -3.84 -21.91 -1.42
CA ASN A 379 -3.49 -20.49 -1.29
C ASN A 379 -4.74 -19.69 -1.61
N HIS A 380 -4.86 -18.50 -1.01
CA HIS A 380 -6.08 -17.71 -1.14
C HIS A 380 -6.26 -17.17 -2.55
N VAL A 381 -5.17 -17.05 -3.29
CA VAL A 381 -5.21 -16.50 -4.68
C VAL A 381 -4.34 -17.34 -5.59
N SER A 382 -4.81 -17.54 -6.83
CA SER A 382 -4.11 -18.40 -7.81
C SER A 382 -3.96 -17.72 -9.17
N MET A 383 -4.52 -16.53 -9.34
CA MET A 383 -4.71 -15.93 -10.67
C MET A 383 -4.09 -14.54 -10.78
N CYS A 384 -3.62 -14.24 -11.99
CA CYS A 384 -2.84 -13.02 -12.30
C CYS A 384 -3.22 -12.57 -13.70
N ILE A 385 -3.42 -11.27 -13.86
CA ILE A 385 -3.43 -10.67 -15.21
C ILE A 385 -2.51 -9.45 -15.22
N LEU A 386 -1.95 -9.20 -16.39
CA LEU A 386 -0.91 -8.15 -16.57
C LEU A 386 -1.04 -7.64 -17.99
N ASN A 387 -1.33 -6.36 -18.12
CA ASN A 387 -1.39 -5.79 -19.46
C ASN A 387 -0.01 -5.76 -20.11
N GLY A 388 0.07 -6.20 -21.34
CA GLY A 388 1.34 -6.33 -22.04
C GLY A 388 1.99 -4.99 -22.23
N GLY A 389 1.21 -3.92 -22.39
CA GLY A 389 1.75 -2.57 -22.45
C GLY A 389 2.51 -2.17 -21.20
N GLY A 390 2.35 -2.85 -20.06
CA GLY A 390 3.08 -2.54 -18.84
C GLY A 390 4.47 -3.13 -18.84
N ILE A 391 4.77 -3.99 -19.78
CA ILE A 391 6.08 -4.63 -19.88
C ILE A 391 6.91 -3.83 -20.88
N ARG A 392 7.99 -3.21 -20.42
CA ARG A 392 8.60 -2.11 -21.22
C ARG A 392 9.96 -2.45 -21.80
N SER A 393 10.49 -3.65 -21.53
CA SER A 393 11.83 -4.02 -22.07
C SER A 393 11.92 -5.54 -22.00
N PRO A 394 12.68 -6.15 -22.90
CA PRO A 394 13.24 -7.48 -22.67
C PRO A 394 14.50 -7.40 -21.77
N ILE A 395 14.97 -8.58 -21.37
CA ILE A 395 16.26 -8.75 -20.72
C ILE A 395 17.01 -9.86 -21.47
N ASP A 396 18.15 -9.47 -22.02
CA ASP A 396 19.07 -10.36 -22.72
C ASP A 396 19.78 -11.25 -21.68
N GLU A 397 19.88 -12.52 -22.03
CA GLU A 397 20.54 -13.54 -21.19
C GLU A 397 22.02 -13.65 -21.45
N ARG A 398 22.57 -12.91 -22.41
CA ARG A 398 23.98 -13.10 -22.81
C ARG A 398 25.00 -12.29 -21.97
N ASN A 399 24.56 -11.57 -20.90
N ASN A 399 24.60 -11.65 -20.86
CA ASN A 399 25.43 -10.90 -19.87
CA ASN A 399 25.57 -10.94 -19.97
C ASN A 399 25.76 -11.93 -18.76
C ASN A 399 25.87 -11.88 -18.80
N ASP A 400 26.27 -13.11 -19.14
CA ASP A 400 26.53 -14.22 -18.19
C ASP A 400 25.24 -14.59 -17.44
N GLY A 401 24.09 -14.32 -18.06
CA GLY A 401 22.79 -14.65 -17.47
C GLY A 401 22.34 -13.63 -16.41
N THR A 402 23.19 -12.67 -16.09
CA THR A 402 22.92 -11.75 -14.96
C THR A 402 21.62 -10.97 -15.19
N ILE A 403 20.88 -10.79 -14.10
CA ILE A 403 19.74 -9.88 -13.98
C ILE A 403 20.00 -8.97 -12.79
N THR A 404 19.89 -7.67 -12.99
CA THR A 404 20.03 -6.66 -11.94
C THR A 404 18.71 -5.92 -11.73
N TRP A 405 18.63 -5.23 -10.62
CA TRP A 405 17.48 -4.38 -10.30
C TRP A 405 17.31 -3.34 -11.43
N GLU A 406 18.41 -2.76 -11.92
CA GLU A 406 18.38 -1.76 -13.01
C GLU A 406 17.70 -2.40 -14.23
N ASN A 407 18.03 -3.64 -14.52
CA ASN A 407 17.39 -4.32 -15.65
C ASN A 407 15.87 -4.45 -15.40
N LEU A 408 15.45 -4.85 -14.21
CA LEU A 408 14.03 -4.96 -13.90
C LEU A 408 13.34 -3.60 -13.91
N ALA A 409 14.01 -2.53 -13.50
CA ALA A 409 13.44 -1.17 -13.53
C ALA A 409 13.19 -0.72 -14.98
N ALA A 410 13.91 -1.26 -15.97
CA ALA A 410 13.62 -0.98 -17.41
C ALA A 410 12.33 -1.69 -17.82
N VAL A 411 12.14 -2.89 -17.30
CA VAL A 411 10.94 -3.70 -17.66
C VAL A 411 9.68 -3.07 -17.02
N LEU A 412 9.82 -2.59 -15.79
CA LEU A 412 8.71 -2.08 -14.96
C LEU A 412 9.07 -0.71 -14.43
N PRO A 413 8.92 0.34 -15.26
CA PRO A 413 9.44 1.65 -14.92
C PRO A 413 8.43 2.63 -14.33
N PHE A 414 7.19 2.21 -14.09
CA PHE A 414 6.13 3.18 -13.82
C PHE A 414 5.90 3.42 -12.34
N GLY A 415 6.59 2.70 -11.49
CA GLY A 415 6.40 2.91 -10.03
C GLY A 415 5.09 2.37 -9.51
N GLY A 416 4.64 1.28 -10.06
CA GLY A 416 3.35 0.72 -9.63
C GLY A 416 3.51 -0.38 -8.59
N THR A 417 2.37 -0.97 -8.31
CA THR A 417 2.22 -2.09 -7.39
C THR A 417 1.44 -3.22 -8.05
N PHE A 418 1.56 -4.40 -7.47
CA PHE A 418 0.74 -5.54 -7.86
C PHE A 418 -0.27 -5.79 -6.77
N ASP A 419 -1.50 -5.39 -7.09
CA ASP A 419 -2.63 -5.34 -6.12
C ASP A 419 -3.46 -6.62 -6.14
N LEU A 420 -4.25 -6.80 -5.08
CA LEU A 420 -5.21 -7.89 -4.95
C LEU A 420 -6.62 -7.30 -5.13
N VAL A 421 -7.37 -7.87 -6.05
CA VAL A 421 -8.79 -7.53 -6.22
C VAL A 421 -9.66 -8.79 -6.21
N GLN A 422 -10.93 -8.56 -5.98
CA GLN A 422 -11.97 -9.59 -6.15
C GLN A 422 -12.87 -9.18 -7.31
N LEU A 423 -13.02 -10.10 -8.29
CA LEU A 423 -13.77 -9.88 -9.54
C LEU A 423 -14.71 -11.04 -9.76
N LYS A 424 -15.96 -10.74 -10.06
CA LYS A 424 -16.85 -11.79 -10.59
C LYS A 424 -16.26 -12.35 -11.89
N GLY A 425 -16.54 -13.63 -12.15
CA GLY A 425 -16.14 -14.22 -13.42
C GLY A 425 -16.67 -13.41 -14.60
N SER A 426 -17.92 -12.92 -14.54
CA SER A 426 -18.46 -12.12 -15.66
C SER A 426 -17.55 -10.92 -15.95
N THR A 427 -17.07 -10.28 -14.91
CA THR A 427 -16.17 -9.10 -15.05
C THR A 427 -14.86 -9.53 -15.74
N LEU A 428 -14.31 -10.63 -15.27
CA LEU A 428 -13.05 -11.14 -15.86
CA LEU A 428 -13.08 -11.22 -15.88
C LEU A 428 -13.28 -11.53 -17.34
N LYS A 429 -14.41 -12.14 -17.70
CA LYS A 429 -14.67 -12.51 -19.10
C LYS A 429 -14.73 -11.19 -19.90
N LYS A 430 -15.36 -10.15 -19.37
CA LYS A 430 -15.42 -8.85 -20.07
C LYS A 430 -14.00 -8.29 -20.25
N ALA A 431 -13.15 -8.45 -19.26
CA ALA A 431 -11.75 -8.00 -19.34
C ALA A 431 -11.03 -8.74 -20.48
N PHE A 432 -11.18 -10.06 -20.57
CA PHE A 432 -10.51 -10.82 -21.66
C PHE A 432 -11.08 -10.47 -23.04
N GLU A 433 -12.35 -10.10 -23.12
CA GLU A 433 -12.89 -9.61 -24.41
C GLU A 433 -12.25 -8.27 -24.73
N HIS A 434 -12.09 -7.42 -23.72
CA HIS A 434 -11.49 -6.09 -23.95
C HIS A 434 -10.03 -6.24 -24.39
N SER A 435 -9.34 -7.24 -23.84
CA SER A 435 -7.93 -7.58 -24.16
C SER A 435 -7.68 -7.72 -25.65
N VAL A 436 -8.69 -8.18 -26.42
CA VAL A 436 -8.54 -8.45 -27.87
C VAL A 436 -9.60 -7.72 -28.69
N HIS A 437 -10.28 -6.71 -28.15
CA HIS A 437 -11.40 -6.05 -28.86
C HIS A 437 -10.93 -5.38 -30.15
N ARG A 438 -9.68 -4.94 -30.21
CA ARG A 438 -9.13 -4.24 -31.40
C ARG A 438 -7.78 -4.86 -31.71
N TYR A 439 -7.68 -6.17 -31.50
CA TYR A 439 -6.42 -6.90 -31.71
C TYR A 439 -5.78 -6.57 -33.07
N GLY A 440 -4.45 -6.37 -33.01
CA GLY A 440 -3.59 -6.28 -34.19
C GLY A 440 -2.88 -4.93 -34.32
N GLN A 441 -3.14 -3.99 -33.41
CA GLN A 441 -2.65 -2.59 -33.50
C GLN A 441 -1.53 -2.35 -32.48
N SER A 442 -1.06 -3.38 -31.79
CA SER A 442 0.04 -3.24 -30.81
C SER A 442 -0.43 -2.30 -29.72
N THR A 443 -1.65 -2.50 -29.23
CA THR A 443 -2.16 -1.68 -28.08
C THR A 443 -1.89 -2.38 -26.75
N GLY A 444 -1.87 -1.60 -25.67
CA GLY A 444 -1.31 -2.09 -24.39
C GLY A 444 -2.23 -3.04 -23.62
N GLU A 445 -3.50 -3.13 -23.96
CA GLU A 445 -4.50 -3.85 -23.15
C GLU A 445 -4.42 -5.39 -23.27
N PHE A 446 -3.65 -5.93 -24.21
CA PHE A 446 -3.54 -7.40 -24.36
C PHE A 446 -3.01 -8.00 -23.05
N LEU A 447 -3.69 -8.97 -22.49
CA LEU A 447 -3.36 -9.53 -21.16
C LEU A 447 -2.45 -10.75 -21.18
N GLN A 448 -1.34 -10.60 -20.46
CA GLN A 448 -0.52 -11.72 -20.01
C GLN A 448 -1.16 -12.30 -18.72
N VAL A 449 -0.89 -13.57 -18.45
CA VAL A 449 -1.68 -14.27 -17.39
C VAL A 449 -0.84 -15.26 -16.59
N GLY A 450 -1.39 -15.56 -15.41
CA GLY A 450 -0.97 -16.71 -14.61
C GLY A 450 -2.19 -17.33 -13.93
N GLY A 451 -2.22 -18.64 -13.87
CA GLY A 451 -3.37 -19.32 -13.26
C GLY A 451 -4.65 -19.24 -14.07
N ILE A 452 -4.50 -18.86 -15.35
CA ILE A 452 -5.62 -18.68 -16.31
C ILE A 452 -5.14 -19.25 -17.65
N HIS A 453 -5.99 -20.03 -18.28
CA HIS A 453 -5.80 -20.50 -19.65
C HIS A 453 -6.91 -19.96 -20.50
N VAL A 454 -6.55 -19.18 -21.50
CA VAL A 454 -7.56 -18.51 -22.38
C VAL A 454 -7.29 -18.97 -23.81
N VAL A 455 -8.38 -19.12 -24.53
CA VAL A 455 -8.36 -19.36 -25.98
C VAL A 455 -9.26 -18.32 -26.68
N TYR A 456 -8.69 -17.61 -27.65
CA TYR A 456 -9.42 -16.63 -28.44
C TYR A 456 -9.69 -17.19 -29.83
N ASP A 457 -10.81 -16.74 -30.40
CA ASP A 457 -11.07 -16.90 -31.85
C ASP A 457 -11.27 -15.49 -32.42
N LEU A 458 -10.24 -14.97 -33.09
CA LEU A 458 -10.25 -13.57 -33.56
C LEU A 458 -11.16 -13.44 -34.78
N SER A 459 -11.68 -14.54 -35.33
CA SER A 459 -12.62 -14.49 -36.47
C SER A 459 -14.01 -14.07 -35.97
N ARG A 460 -14.27 -14.18 -34.67
CA ARG A 460 -15.58 -13.75 -34.07
C ARG A 460 -15.65 -12.23 -33.88
N LYS A 461 -16.84 -11.71 -33.58
CA LYS A 461 -17.13 -10.28 -33.33
C LYS A 461 -16.36 -9.85 -32.10
N PRO A 462 -15.82 -8.62 -32.08
CA PRO A 462 -15.39 -8.05 -30.79
C PRO A 462 -16.48 -8.22 -29.72
N GLY A 463 -16.06 -8.65 -28.53
CA GLY A 463 -16.90 -8.93 -27.36
C GLY A 463 -17.38 -10.37 -27.34
N ASP A 464 -17.04 -11.18 -28.35
CA ASP A 464 -17.39 -12.63 -28.40
C ASP A 464 -16.24 -13.47 -28.94
N ARG A 465 -15.02 -13.05 -28.63
CA ARG A 465 -13.78 -13.68 -29.12
C ARG A 465 -13.26 -14.71 -28.10
N VAL A 466 -13.68 -14.64 -26.83
CA VAL A 466 -13.18 -15.62 -25.85
C VAL A 466 -13.96 -16.91 -26.05
N VAL A 467 -13.28 -18.00 -26.42
CA VAL A 467 -13.99 -19.26 -26.65
C VAL A 467 -13.70 -20.30 -25.55
N LYS A 468 -12.66 -20.10 -24.72
CA LYS A 468 -12.39 -20.97 -23.56
C LYS A 468 -11.70 -20.08 -22.54
N LEU A 469 -12.08 -20.27 -21.29
CA LEU A 469 -11.45 -19.54 -20.18
C LEU A 469 -11.53 -20.43 -18.96
N ASP A 470 -10.37 -20.97 -18.60
CA ASP A 470 -10.22 -21.87 -17.47
C ASP A 470 -9.32 -21.19 -16.44
N VAL A 471 -9.58 -21.48 -15.19
CA VAL A 471 -8.91 -20.84 -14.05
C VAL A 471 -8.45 -21.90 -13.04
N LEU A 472 -7.33 -21.61 -12.41
CA LEU A 472 -6.75 -22.48 -11.40
C LEU A 472 -7.54 -22.36 -10.10
N CYS A 473 -7.99 -23.50 -9.60
CA CYS A 473 -8.75 -23.51 -8.31
C CYS A 473 -7.88 -22.98 -7.15
N THR A 474 -8.56 -22.44 -6.15
CA THR A 474 -7.96 -22.17 -4.84
C THR A 474 -8.48 -23.15 -3.77
N SER A 475 -9.78 -23.42 -3.77
CA SER A 475 -10.43 -24.26 -2.77
C SER A 475 -10.29 -25.74 -3.17
N CYS A 476 -9.06 -26.19 -3.14
CA CYS A 476 -8.65 -27.51 -3.64
C CYS A 476 -7.28 -27.79 -3.05
N ARG A 477 -7.01 -29.07 -2.78
CA ARG A 477 -5.71 -29.46 -2.25
C ARG A 477 -4.74 -29.70 -3.38
N VAL A 478 -5.23 -30.09 -4.54
CA VAL A 478 -4.39 -30.25 -5.76
C VAL A 478 -4.84 -29.16 -6.73
N PRO A 479 -4.01 -28.15 -7.02
CA PRO A 479 -4.41 -27.13 -7.99
C PRO A 479 -4.63 -27.74 -9.37
N SER A 480 -5.77 -27.36 -9.95
CA SER A 480 -6.17 -27.80 -11.29
C SER A 480 -7.05 -26.74 -11.92
N TYR A 481 -7.24 -26.84 -13.25
CA TYR A 481 -8.02 -25.85 -14.03
C TYR A 481 -9.45 -26.34 -14.17
N ASP A 482 -10.36 -25.39 -14.05
CA ASP A 482 -11.79 -25.63 -14.33
C ASP A 482 -12.32 -24.42 -15.08
N PRO A 483 -13.44 -24.56 -15.80
CA PRO A 483 -14.02 -23.40 -16.47
C PRO A 483 -14.34 -22.27 -15.52
N LEU A 484 -14.14 -21.07 -16.00
CA LEU A 484 -14.55 -19.89 -15.24
CA LEU A 484 -14.57 -19.84 -15.30
C LEU A 484 -16.07 -19.89 -15.08
N LYS A 485 -16.52 -19.50 -13.89
CA LYS A 485 -17.97 -19.40 -13.58
C LYS A 485 -18.33 -17.93 -13.51
N MET A 486 -19.39 -17.54 -14.19
CA MET A 486 -19.76 -16.12 -14.35
C MET A 486 -20.13 -15.48 -13.02
N ASP A 487 -20.74 -16.24 -12.11
CA ASP A 487 -21.28 -15.70 -10.84
C ASP A 487 -20.27 -15.79 -9.72
N GLU A 488 -19.21 -16.58 -9.90
N GLU A 488 -19.20 -16.53 -9.90
CA GLU A 488 -18.20 -16.82 -8.83
CA GLU A 488 -18.27 -16.73 -8.77
C GLU A 488 -17.28 -15.61 -8.72
C GLU A 488 -17.30 -15.57 -8.71
N VAL A 489 -16.87 -15.30 -7.48
CA VAL A 489 -15.93 -14.20 -7.23
C VAL A 489 -14.53 -14.82 -7.14
N TYR A 490 -13.61 -14.27 -7.94
CA TYR A 490 -12.20 -14.66 -7.98
C TYR A 490 -11.27 -13.58 -7.42
N LYS A 491 -10.30 -14.03 -6.64
CA LYS A 491 -9.17 -13.17 -6.30
C LYS A 491 -8.20 -13.17 -7.49
N VAL A 492 -7.75 -11.97 -7.82
CA VAL A 492 -6.81 -11.76 -8.94
C VAL A 492 -5.74 -10.77 -8.50
N ILE A 493 -4.49 -11.08 -8.85
CA ILE A 493 -3.38 -10.11 -8.68
CA ILE A 493 -3.40 -10.10 -8.68
C ILE A 493 -3.22 -9.37 -10.01
N LEU A 494 -3.10 -8.05 -9.95
CA LEU A 494 -2.97 -7.26 -11.18
C LEU A 494 -2.31 -5.95 -10.87
N PRO A 495 -1.76 -5.27 -11.86
CA PRO A 495 -1.16 -3.96 -11.58
C PRO A 495 -2.19 -2.93 -11.13
N ASN A 496 -1.79 -2.01 -10.25
CA ASN A 496 -2.69 -0.91 -9.84
C ASN A 496 -3.17 -0.13 -11.06
N PHE A 497 -2.38 -0.05 -12.13
CA PHE A 497 -2.85 0.64 -13.35
C PHE A 497 -4.18 0.03 -13.80
N LEU A 498 -4.26 -1.32 -13.78
CA LEU A 498 -5.50 -1.99 -14.22
C LEU A 498 -6.60 -1.93 -13.17
N ALA A 499 -6.27 -2.08 -11.91
CA ALA A 499 -7.28 -1.99 -10.82
C ALA A 499 -7.99 -0.64 -10.88
N ASN A 500 -7.28 0.40 -11.30
CA ASN A 500 -7.83 1.76 -11.37
C ASN A 500 -8.51 2.01 -12.73
N GLY A 501 -8.65 0.99 -13.58
CA GLY A 501 -9.39 1.16 -14.84
C GLY A 501 -8.55 1.66 -16.00
N GLY A 502 -7.23 1.57 -15.91
CA GLY A 502 -6.33 1.93 -17.03
C GLY A 502 -6.59 1.08 -18.27
N ASP A 503 -6.14 1.55 -19.43
CA ASP A 503 -6.20 0.79 -20.69
C ASP A 503 -7.65 0.49 -21.09
N GLY A 504 -8.62 1.23 -20.56
CA GLY A 504 -10.02 1.05 -20.90
C GLY A 504 -10.68 -0.09 -20.16
N PHE A 505 -10.00 -0.62 -19.14
CA PHE A 505 -10.57 -1.67 -18.26
C PHE A 505 -11.52 -1.04 -17.24
N GLN A 506 -12.52 -0.31 -17.70
CA GLN A 506 -13.46 0.37 -16.81
C GLN A 506 -14.28 -0.69 -16.04
N MET A 507 -14.51 -1.87 -16.62
CA MET A 507 -15.29 -2.91 -15.95
C MET A 507 -14.57 -3.33 -14.66
N ILE A 508 -13.24 -3.36 -14.69
CA ILE A 508 -12.49 -3.78 -13.47
C ILE A 508 -12.75 -2.76 -12.37
N LYS A 509 -12.58 -1.48 -12.66
CA LYS A 509 -12.74 -0.41 -11.64
C LYS A 509 -14.18 -0.43 -11.17
N ASP A 510 -15.13 -0.51 -12.10
CA ASP A 510 -16.55 -0.32 -11.75
C ASP A 510 -17.15 -1.55 -11.09
N GLU A 511 -16.62 -2.75 -11.33
CA GLU A 511 -17.33 -3.98 -10.87
C GLU A 511 -16.55 -4.66 -9.74
N LEU A 512 -15.33 -4.25 -9.45
CA LEU A 512 -14.59 -5.05 -8.45
C LEU A 512 -15.28 -4.96 -7.09
N LEU A 513 -15.07 -5.99 -6.28
CA LEU A 513 -15.74 -6.15 -4.97
CA LEU A 513 -15.74 -6.10 -4.97
C LEU A 513 -14.79 -5.77 -3.82
N ARG A 514 -13.48 -5.83 -4.08
CA ARG A 514 -12.45 -5.57 -3.07
C ARG A 514 -11.20 -5.19 -3.84
N HIS A 515 -10.46 -4.23 -3.29
CA HIS A 515 -9.15 -3.80 -3.81
C HIS A 515 -8.24 -3.45 -2.65
N ASP A 516 -7.06 -4.04 -2.64
CA ASP A 516 -6.02 -3.72 -1.63
C ASP A 516 -4.71 -3.52 -2.38
N SER A 517 -4.02 -2.47 -2.03
CA SER A 517 -2.72 -2.17 -2.69
CA SER A 517 -2.69 -2.14 -2.63
C SER A 517 -1.65 -3.17 -2.23
N GLY A 518 -0.88 -3.63 -3.17
CA GLY A 518 0.19 -4.60 -2.90
C GLY A 518 1.58 -4.05 -3.00
N ASP A 519 2.52 -4.94 -3.19
CA ASP A 519 3.95 -4.64 -3.13
C ASP A 519 4.42 -3.97 -4.44
N GLN A 520 5.53 -3.25 -4.29
CA GLN A 520 6.15 -2.57 -5.46
C GLN A 520 6.41 -3.60 -6.57
N ASP A 521 6.05 -3.24 -7.80
CA ASP A 521 6.16 -4.14 -8.97
C ASP A 521 7.60 -4.66 -9.11
N ILE A 522 8.60 -3.79 -9.15
CA ILE A 522 9.99 -4.23 -9.34
C ILE A 522 10.35 -5.21 -8.21
N ASN A 523 10.02 -4.86 -6.97
CA ASN A 523 10.41 -5.65 -5.79
CA ASN A 523 10.43 -5.65 -5.80
C ASN A 523 9.80 -7.05 -5.84
N VAL A 524 8.60 -7.16 -6.32
CA VAL A 524 7.95 -8.49 -6.42
C VAL A 524 8.80 -9.35 -7.34
N VAL A 525 9.22 -8.81 -8.48
CA VAL A 525 9.99 -9.61 -9.46
C VAL A 525 11.39 -9.88 -8.91
N SER A 526 12.03 -8.87 -8.34
CA SER A 526 13.41 -9.06 -7.83
CA SER A 526 13.38 -9.00 -7.76
C SER A 526 13.42 -10.16 -6.76
N THR A 527 12.46 -10.17 -5.84
CA THR A 527 12.42 -11.15 -4.74
C THR A 527 12.30 -12.55 -5.37
N TYR A 528 11.39 -12.69 -6.32
CA TYR A 528 11.18 -14.00 -6.97
C TYR A 528 12.45 -14.50 -7.66
N ILE A 529 13.10 -13.65 -8.45
CA ILE A 529 14.36 -14.01 -9.15
C ILE A 529 15.41 -14.41 -8.11
N SER A 530 15.49 -13.64 -7.03
CA SER A 530 16.51 -13.96 -6.01
C SER A 530 16.24 -15.34 -5.41
N LYS A 531 14.95 -15.63 -5.15
CA LYS A 531 14.56 -16.93 -4.53
CA LYS A 531 14.49 -16.93 -4.57
C LYS A 531 14.85 -18.07 -5.53
N MET A 532 14.57 -17.84 -6.82
CA MET A 532 14.70 -18.93 -7.81
C MET A 532 16.16 -19.18 -8.21
N LYS A 533 16.99 -18.15 -8.15
CA LYS A 533 18.47 -18.18 -8.44
C LYS A 533 18.73 -18.29 -9.94
N VAL A 534 18.09 -19.26 -10.60
CA VAL A 534 18.22 -19.47 -12.05
C VAL A 534 16.82 -19.66 -12.60
N ILE A 535 16.42 -18.85 -13.56
CA ILE A 535 15.07 -18.90 -14.15
C ILE A 535 15.17 -19.26 -15.64
N TYR A 536 14.08 -19.86 -16.11
CA TYR A 536 13.97 -20.36 -17.50
C TYR A 536 12.50 -20.37 -17.90
N PRO A 537 11.76 -19.25 -17.81
CA PRO A 537 10.33 -19.22 -18.16
C PRO A 537 10.13 -19.54 -19.65
N ALA A 538 9.16 -20.41 -19.90
CA ALA A 538 8.72 -20.85 -21.23
C ALA A 538 7.42 -20.15 -21.60
N VAL A 539 7.16 -20.15 -22.89
CA VAL A 539 5.81 -19.93 -23.47
C VAL A 539 5.15 -21.32 -23.49
N GLU A 540 4.02 -21.47 -22.81
CA GLU A 540 3.53 -22.83 -22.49
C GLU A 540 2.10 -23.07 -22.86
N GLY A 541 1.42 -22.13 -23.52
CA GLY A 541 0.03 -22.36 -23.93
C GLY A 541 -0.98 -21.78 -22.94
N ARG A 542 -0.59 -20.79 -22.13
CA ARG A 542 -1.56 -20.08 -21.27
C ARG A 542 -2.54 -19.30 -22.14
N ILE A 543 -2.07 -18.84 -23.29
CA ILE A 543 -2.90 -18.02 -24.22
C ILE A 543 -2.79 -18.69 -25.58
N LYS A 544 -3.92 -19.07 -26.16
CA LYS A 544 -3.91 -19.62 -27.53
C LYS A 544 -4.96 -18.93 -28.39
N PHE A 545 -4.75 -19.07 -29.70
CA PHE A 545 -5.63 -18.57 -30.76
C PHE A 545 -6.13 -19.76 -31.56
N SER A 546 -7.40 -19.74 -31.86
CA SER A 546 -7.98 -20.88 -32.58
C SER A 546 -8.24 -20.43 -34.01
ZN ZN B . -0.79 1.26 1.88
ZN ZN C . -2.38 -0.62 4.00
CA CA D . -13.23 13.79 24.25
CL CL E . -12.06 1.32 2.68
C1 GOL F . 16.13 5.44 -6.90
O1 GOL F . 15.35 5.91 -7.99
C2 GOL F . 17.41 6.24 -6.79
O2 GOL F . 17.11 7.58 -6.43
C3 GOL F . 18.41 5.68 -5.81
O3 GOL F . 19.41 6.65 -5.51
O3P C5P G . 2.83 4.52 -25.62
P C5P G . 2.92 3.01 -25.66
O1P C5P G . 1.99 2.34 -26.68
O2P C5P G . 4.32 2.45 -25.72
O5' C5P G . 2.49 2.54 -24.18
C5' C5P G . 1.19 2.80 -23.66
C4' C5P G . 0.81 1.65 -22.77
O4' C5P G . 1.59 1.69 -21.56
C3' C5P G . -0.61 1.67 -22.22
O3' C5P G . -1.55 1.28 -23.22
C2' C5P G . -0.51 0.72 -21.03
O2' C5P G . -0.63 -0.63 -21.45
C1' C5P G . 0.91 0.99 -20.54
N1 C5P G . 1.01 1.73 -19.27
C2 C5P G . 1.04 1.01 -18.08
N3 C5P G . 1.14 1.67 -16.90
C4 C5P G . 1.14 3.00 -16.90
C5 C5P G . 1.11 3.77 -18.10
C6 C5P G . 1.02 3.11 -19.25
O2 C5P G . 1.01 -0.23 -18.11
N4 C5P G . 1.27 3.60 -15.72
#